data_8X4N
#
_entry.id   8X4N
#
_cell.length_a   113.247
_cell.length_b   36.915
_cell.length_c   72.407
_cell.angle_alpha   90.00
_cell.angle_beta   111.61
_cell.angle_gamma   90.00
#
_symmetry.space_group_name_H-M   'C 1 2 1'
#
loop_
_entity.id
_entity.type
_entity.pdbx_description
1 polymer 'Subversion of eukaryotic traffic protein A'
2 non-polymer GLYCEROL
3 non-polymer 'PHOSPHORIC ACID MONO-(2,3,4,6-TETRAHYDROXY-5-PHOSPHONOOXY-CYCLOHEXYL) ESTER'
4 water water
#
_entity_poly.entity_id   1
_entity_poly.type   'polypeptide(L)'
_entity_poly.pdbx_seq_one_letter_code
;MTAHDLIDEIIQDVIQLDGKLGLLGGNTRQLEDGRVINIPNGAAMIFDDYKKYKQGELTAESALESMIKIAKLSNQLNRH
TFFNQRQPETGQFYKKVAAIDLQTTIAAEYDNNHGLRILEHHHHHH
;
_entity_poly.pdbx_strand_id   A,B
#
loop_
_chem_comp.id
_chem_comp.type
_chem_comp.name
_chem_comp.formula
GOL non-polymer GLYCEROL 'C3 H8 O3'
ITP non-polymer 'PHOSPHORIC ACID MONO-(2,3,4,6-TETRAHYDROXY-5-PHOSPHONOOXY-CYCLOHEXYL) ESTER' 'C6 H14 O12 P2'
#
# COMPACT_ATOMS: atom_id res chain seq x y z
N MET A 1 19.78 17.10 -3.95
CA MET A 1 19.62 15.69 -3.48
C MET A 1 19.23 14.80 -4.65
N THR A 2 19.88 13.63 -4.76
CA THR A 2 19.36 12.55 -5.57
C THR A 2 18.10 12.02 -4.90
N ALA A 3 17.21 11.43 -5.72
CA ALA A 3 16.00 10.81 -5.20
C ALA A 3 16.38 9.73 -4.18
N HIS A 4 17.45 8.98 -4.49
CA HIS A 4 17.95 7.92 -3.62
C HIS A 4 18.28 8.47 -2.22
N ASP A 5 18.93 9.65 -2.18
CA ASP A 5 19.39 10.23 -0.93
C ASP A 5 18.24 10.89 -0.18
N LEU A 6 17.21 11.34 -0.91
CA LEU A 6 16.03 11.90 -0.26
C LEU A 6 15.28 10.78 0.48
N ILE A 7 15.17 9.62 -0.16
CA ILE A 7 14.51 8.46 0.43
C ILE A 7 15.23 8.05 1.72
N ASP A 8 16.56 8.02 1.68
CA ASP A 8 17.36 7.61 2.83
C ASP A 8 17.20 8.61 3.98
N GLU A 9 17.00 9.89 3.64
CA GLU A 9 16.75 10.92 4.64
C GLU A 9 15.40 10.70 5.32
N ILE A 10 14.36 10.42 4.52
CA ILE A 10 13.01 10.24 5.04
C ILE A 10 12.98 9.03 5.99
N ILE A 11 13.69 7.96 5.62
CA ILE A 11 13.64 6.71 6.35
C ILE A 11 14.47 6.81 7.63
N GLN A 12 15.51 7.67 7.65
CA GLN A 12 16.21 7.95 8.89
C GLN A 12 15.25 8.58 9.88
N ASP A 13 14.38 9.47 9.37
CA ASP A 13 13.38 10.14 10.20
C ASP A 13 12.30 9.16 10.68
N VAL A 14 11.92 8.19 9.83
CA VAL A 14 10.93 7.21 10.21
C VAL A 14 11.46 6.35 11.36
N ILE A 15 12.75 6.00 11.32
CA ILE A 15 13.37 5.17 12.34
C ILE A 15 13.37 5.89 13.70
N GLN A 16 13.44 7.23 13.68
CA GLN A 16 13.44 8.02 14.91
C GLN A 16 12.04 8.09 15.54
N LEU A 17 11.01 7.61 14.83
CA LEU A 17 9.66 7.53 15.35
C LEU A 17 9.45 6.24 16.15
N ASP A 18 10.50 5.43 16.31
CA ASP A 18 10.40 4.18 17.05
C ASP A 18 9.90 4.46 18.46
N GLY A 19 8.71 3.92 18.78
CA GLY A 19 8.16 3.99 20.12
C GLY A 19 7.25 5.19 20.36
N LYS A 20 7.32 6.22 19.49
CA LYS A 20 6.57 7.44 19.70
C LYS A 20 5.09 7.18 19.49
N LEU A 21 4.27 8.09 20.02
CA LEU A 21 2.85 7.82 20.21
C LEU A 21 2.12 7.87 18.87
N GLY A 22 1.67 6.70 18.43
CA GLY A 22 0.59 6.60 17.47
C GLY A 22 -0.72 6.32 18.21
N LEU A 23 -1.67 7.26 18.08
CA LEU A 23 -2.97 7.14 18.73
C LEU A 23 -3.86 6.13 18.00
N LEU A 24 -3.53 5.79 16.74
CA LEU A 24 -4.27 4.77 15.99
C LEU A 24 -3.44 3.49 15.91
N GLY A 25 -2.61 3.25 16.93
CA GLY A 25 -1.89 2.01 17.08
C GLY A 25 -0.46 2.10 16.53
N GLY A 26 0.21 0.95 16.54
CA GLY A 26 1.58 0.84 16.09
C GLY A 26 1.76 -0.33 15.13
N ASN A 27 2.90 -0.31 14.45
CA ASN A 27 3.21 -1.28 13.43
C ASN A 27 4.67 -1.65 13.59
N THR A 28 4.93 -2.96 13.74
CA THR A 28 6.28 -3.48 13.88
C THR A 28 6.88 -3.64 12.50
N ARG A 29 8.10 -3.12 12.35
CA ARG A 29 8.87 -3.30 11.12
C ARG A 29 10.29 -3.68 11.52
N GLN A 30 10.98 -4.44 10.66
CA GLN A 30 12.33 -4.87 10.98
C GLN A 30 13.31 -4.21 10.01
N LEU A 31 14.37 -3.61 10.57
CA LEU A 31 15.43 -3.03 9.77
C LEU A 31 16.27 -4.16 9.16
N GLU A 32 17.16 -3.81 8.23
CA GLU A 32 18.01 -4.79 7.57
C GLU A 32 19.02 -5.34 8.58
N ASP A 33 19.38 -4.54 9.59
CA ASP A 33 20.33 -4.95 10.61
C ASP A 33 19.68 -5.94 11.58
N GLY A 34 18.34 -6.09 11.51
CA GLY A 34 17.63 -7.06 12.32
C GLY A 34 16.78 -6.42 13.43
N ARG A 35 17.06 -5.14 13.73
CA ARG A 35 16.38 -4.42 14.78
C ARG A 35 14.92 -4.18 14.41
N VAL A 36 14.04 -4.32 15.41
CA VAL A 36 12.61 -4.16 15.25
C VAL A 36 12.20 -2.80 15.80
N ILE A 37 11.42 -2.05 15.02
CA ILE A 37 10.87 -0.78 15.46
C ILE A 37 9.35 -0.90 15.55
N ASN A 38 8.75 0.01 16.33
CA ASN A 38 7.31 0.17 16.40
C ASN A 38 6.97 1.59 15.98
N ILE A 39 6.23 1.73 14.86
CA ILE A 39 5.98 3.05 14.29
C ILE A 39 4.51 3.20 13.87
N PRO A 40 4.02 4.45 13.75
CA PRO A 40 2.63 4.72 13.34
C PRO A 40 2.31 4.28 11.92
N ASN A 41 1.03 4.44 11.53
CA ASN A 41 0.47 3.80 10.36
C ASN A 41 0.97 4.43 9.05
N GLY A 42 1.11 5.76 9.03
CA GLY A 42 1.61 6.48 7.88
C GLY A 42 3.10 6.21 7.63
N ALA A 43 3.89 6.29 8.71
CA ALA A 43 5.32 5.98 8.66
C ALA A 43 5.57 4.54 8.20
N ALA A 44 4.68 3.62 8.56
CA ALA A 44 4.84 2.20 8.23
C ALA A 44 4.60 1.96 6.75
N MET A 45 3.67 2.69 6.15
CA MET A 45 3.37 2.55 4.72
C MET A 45 4.47 3.22 3.90
N ILE A 46 5.03 4.31 4.44
CA ILE A 46 6.20 4.96 3.86
C ILE A 46 7.39 3.99 3.87
N PHE A 47 7.55 3.26 4.98
CA PHE A 47 8.60 2.27 5.12
C PHE A 47 8.43 1.15 4.09
N ASP A 48 7.18 0.77 3.80
CA ASP A 48 6.89 -0.31 2.88
C ASP A 48 7.21 0.09 1.43
N ASP A 49 7.10 1.38 1.11
CA ASP A 49 7.45 1.88 -0.21
C ASP A 49 8.98 1.91 -0.36
N TYR A 50 9.70 2.20 0.73
CA TYR A 50 11.15 2.11 0.75
C TYR A 50 11.59 0.69 0.42
N LYS A 51 10.91 -0.31 0.99
CA LYS A 51 11.23 -1.70 0.74
C LYS A 51 11.00 -2.05 -0.73
N LYS A 52 9.85 -1.65 -1.28
CA LYS A 52 9.55 -1.88 -2.68
C LYS A 52 10.61 -1.25 -3.58
N TYR A 53 11.14 -0.09 -3.18
CA TYR A 53 12.22 0.54 -3.91
C TYR A 53 13.48 -0.33 -3.86
N LYS A 54 13.82 -0.86 -2.67
CA LYS A 54 15.04 -1.63 -2.46
C LYS A 54 14.98 -3.00 -3.17
N GLN A 55 13.78 -3.50 -3.42
CA GLN A 55 13.60 -4.78 -4.08
C GLN A 55 13.48 -4.61 -5.59
N GLY A 56 13.41 -3.35 -6.05
CA GLY A 56 13.42 -3.03 -7.47
C GLY A 56 12.03 -3.08 -8.10
N GLU A 57 10.99 -2.88 -7.28
CA GLU A 57 9.61 -2.94 -7.73
C GLU A 57 9.11 -1.53 -8.04
N LEU A 58 9.75 -0.51 -7.45
CA LEU A 58 9.42 0.88 -7.72
C LEU A 58 10.71 1.64 -8.02
N THR A 59 10.61 2.67 -8.85
CA THR A 59 11.68 3.64 -9.03
C THR A 59 11.73 4.53 -7.79
N ALA A 60 12.85 5.24 -7.61
CA ALA A 60 12.99 6.17 -6.51
C ALA A 60 11.92 7.26 -6.60
N GLU A 61 11.66 7.77 -7.83
CA GLU A 61 10.69 8.83 -8.03
C GLU A 61 9.29 8.34 -7.69
N SER A 62 8.94 7.14 -8.15
CA SER A 62 7.62 6.58 -7.95
C SER A 62 7.38 6.26 -6.48
N ALA A 63 8.44 5.84 -5.77
CA ALA A 63 8.36 5.56 -4.34
C ALA A 63 8.11 6.85 -3.56
N LEU A 64 8.85 7.92 -3.89
CA LEU A 64 8.72 9.18 -3.20
C LEU A 64 7.36 9.81 -3.45
N GLU A 65 6.79 9.59 -4.64
CA GLU A 65 5.49 10.18 -4.99
C GLU A 65 4.42 9.67 -4.03
N SER A 66 4.41 8.35 -3.79
CA SER A 66 3.43 7.75 -2.88
C SER A 66 3.78 8.06 -1.43
N MET A 67 5.07 8.09 -1.08
CA MET A 67 5.51 8.46 0.27
C MET A 67 4.93 9.84 0.63
N ILE A 68 5.01 10.79 -0.31
CA ILE A 68 4.58 12.15 -0.08
C ILE A 68 3.05 12.22 -0.08
N LYS A 69 2.38 11.36 -0.87
CA LYS A 69 0.93 11.30 -0.89
C LYS A 69 0.39 10.81 0.46
N ILE A 70 1.07 9.83 1.04
CA ILE A 70 0.71 9.29 2.34
C ILE A 70 0.96 10.33 3.44
N ALA A 71 2.10 11.04 3.37
CA ALA A 71 2.42 12.04 4.39
C ALA A 71 1.46 13.22 4.33
N LYS A 72 0.85 13.49 3.16
CA LYS A 72 -0.08 14.59 3.02
C LYS A 72 -1.41 14.25 3.69
N LEU A 73 -1.88 13.02 3.47
CA LEU A 73 -3.09 12.52 4.11
C LEU A 73 -2.88 12.36 5.61
N SER A 74 -1.72 11.84 6.02
CA SER A 74 -1.44 11.64 7.43
C SER A 74 -1.33 12.98 8.16
N ASN A 75 -0.74 13.98 7.50
CA ASN A 75 -0.62 15.34 8.03
C ASN A 75 -2.01 15.97 8.20
N GLN A 76 -2.91 15.76 7.23
CA GLN A 76 -4.26 16.30 7.30
C GLN A 76 -5.02 15.71 8.48
N LEU A 77 -4.90 14.39 8.67
CA LEU A 77 -5.57 13.71 9.78
C LEU A 77 -4.99 14.19 11.11
N ASN A 78 -3.69 14.51 11.13
CA ASN A 78 -2.98 14.83 12.35
C ASN A 78 -3.38 16.22 12.86
N ARG A 79 -4.04 17.02 12.02
CA ARG A 79 -4.46 18.35 12.42
C ARG A 79 -5.79 18.31 13.19
N HIS A 80 -6.46 17.16 13.23
CA HIS A 80 -7.70 17.02 13.99
C HIS A 80 -7.41 17.15 15.48
N THR A 81 -8.43 17.60 16.23
CA THR A 81 -8.37 17.84 17.67
C THR A 81 -7.99 16.57 18.42
N PHE A 82 -8.44 15.40 17.94
CA PHE A 82 -8.13 14.13 18.57
C PHE A 82 -6.62 13.90 18.62
N PHE A 83 -5.89 14.33 17.59
CA PHE A 83 -4.53 13.89 17.38
C PHE A 83 -3.49 15.01 17.52
N ASN A 84 -3.89 16.27 17.35
CA ASN A 84 -2.91 17.33 17.07
C ASN A 84 -2.17 17.80 18.33
N GLN A 85 -2.52 17.30 19.52
CA GLN A 85 -1.79 17.67 20.73
C GLN A 85 -0.85 16.55 21.15
N ARG A 86 -1.30 15.30 21.07
CA ARG A 86 -0.70 14.21 21.82
C ARG A 86 0.27 13.37 20.99
N GLN A 87 0.45 13.68 19.70
CA GLN A 87 1.52 13.07 18.93
C GLN A 87 2.30 14.15 18.18
N PRO A 88 3.23 14.85 18.87
CA PRO A 88 4.02 15.92 18.27
C PRO A 88 5.16 15.48 17.36
N GLU A 89 5.86 14.40 17.74
CA GLU A 89 6.97 13.88 16.95
C GLU A 89 6.46 13.32 15.63
N THR A 90 5.30 12.66 15.69
CA THR A 90 4.64 12.10 14.53
C THR A 90 4.12 13.22 13.64
N GLY A 91 3.61 14.29 14.28
CA GLY A 91 3.13 15.48 13.58
C GLY A 91 4.23 16.20 12.79
N GLN A 92 5.39 16.44 13.43
CA GLN A 92 6.50 17.12 12.78
C GLN A 92 7.02 16.31 11.59
N PHE A 93 7.07 14.98 11.74
CA PHE A 93 7.48 14.10 10.66
C PHE A 93 6.59 14.28 9.44
N TYR A 94 5.26 14.12 9.62
CA TYR A 94 4.34 14.15 8.49
C TYR A 94 4.31 15.54 7.87
N LYS A 95 4.66 16.57 8.65
CA LYS A 95 4.61 17.95 8.17
C LYS A 95 5.82 18.23 7.27
N LYS A 96 7.00 17.80 7.70
CA LYS A 96 8.22 17.96 6.91
C LYS A 96 8.03 17.34 5.53
N VAL A 97 7.65 16.05 5.52
CA VAL A 97 7.59 15.24 4.31
C VAL A 97 6.51 15.75 3.35
N ALA A 98 5.36 16.16 3.89
CA ALA A 98 4.24 16.59 3.07
C ALA A 98 4.56 17.91 2.37
N ALA A 99 5.59 18.62 2.86
CA ALA A 99 5.98 19.93 2.34
C ALA A 99 7.08 19.83 1.29
N ILE A 100 7.36 18.61 0.79
CA ILE A 100 8.40 18.42 -0.22
C ILE A 100 7.80 18.63 -1.61
N ASP A 101 8.43 19.53 -2.39
CA ASP A 101 8.17 19.65 -3.81
C ASP A 101 9.10 18.72 -4.56
N LEU A 102 8.57 17.57 -4.99
CA LEU A 102 9.38 16.47 -5.50
C LEU A 102 9.97 16.83 -6.85
N GLN A 103 9.15 17.34 -7.77
CA GLN A 103 9.57 17.54 -9.15
C GLN A 103 10.56 18.71 -9.22
N THR A 104 10.41 19.69 -8.32
CA THR A 104 11.36 20.79 -8.25
C THR A 104 12.67 20.31 -7.63
N THR A 105 12.59 19.41 -6.63
CA THR A 105 13.78 18.87 -5.98
C THR A 105 14.60 18.03 -6.95
N ILE A 106 13.92 17.42 -7.94
CA ILE A 106 14.56 16.58 -8.95
C ILE A 106 15.05 17.42 -10.12
N ALA A 107 14.75 18.73 -10.11
CA ALA A 107 15.28 19.65 -11.10
C ALA A 107 16.75 19.96 -10.81
N ALA A 108 17.04 20.36 -9.55
CA ALA A 108 18.35 20.90 -9.18
C ALA A 108 19.47 19.90 -9.51
N GLY A 115 19.91 20.37 -1.53
CA GLY A 115 19.03 21.27 -2.31
C GLY A 115 17.58 20.82 -2.27
N LEU A 116 17.06 20.65 -1.04
CA LEU A 116 15.69 20.23 -0.80
C LEU A 116 14.72 21.40 -1.04
N ARG A 117 13.77 21.19 -1.97
CA ARG A 117 12.84 22.24 -2.36
C ARG A 117 11.45 21.92 -1.80
N ILE A 118 10.80 22.97 -1.28
CA ILE A 118 9.53 22.86 -0.58
C ILE A 118 8.42 23.42 -1.45
N LEU A 119 7.17 23.04 -1.12
CA LEU A 119 6.01 23.43 -1.90
C LEU A 119 5.65 24.88 -1.58
N GLU A 120 5.58 25.71 -2.62
CA GLU A 120 5.25 27.12 -2.49
C GLU A 120 3.73 27.28 -2.56
N HIS A 121 3.15 27.98 -1.58
CA HIS A 121 1.71 28.00 -1.42
C HIS A 121 1.29 29.18 -0.56
N HIS A 122 -0.02 29.49 -0.62
CA HIS A 122 -0.61 30.56 0.16
C HIS A 122 -0.97 30.03 1.55
N HIS A 123 -0.82 30.88 2.57
CA HIS A 123 -1.30 30.55 3.90
C HIS A 123 -2.02 31.74 4.51
N HIS A 124 -3.15 31.47 5.19
CA HIS A 124 -3.98 32.50 5.80
C HIS A 124 -3.22 33.13 6.98
N HIS A 125 -2.37 32.33 7.63
CA HIS A 125 -1.47 32.79 8.67
C HIS A 125 -2.29 33.40 9.83
N THR B 2 -15.02 -29.05 -13.28
CA THR B 2 -14.13 -28.65 -14.42
C THR B 2 -13.15 -27.60 -13.93
N ALA B 3 -11.95 -27.60 -14.52
CA ALA B 3 -10.98 -26.53 -14.31
C ALA B 3 -11.58 -25.19 -14.71
N HIS B 4 -12.34 -25.20 -15.82
CA HIS B 4 -12.99 -24.00 -16.33
C HIS B 4 -14.02 -23.48 -15.32
N ASP B 5 -14.87 -24.38 -14.80
CA ASP B 5 -15.95 -23.97 -13.91
C ASP B 5 -15.41 -23.59 -12.54
N LEU B 6 -14.22 -24.09 -12.19
CA LEU B 6 -13.57 -23.72 -10.95
C LEU B 6 -13.09 -22.27 -11.03
N ILE B 7 -12.66 -21.85 -12.23
CA ILE B 7 -12.19 -20.50 -12.47
C ILE B 7 -13.37 -19.51 -12.39
N ASP B 8 -14.52 -19.90 -12.96
CA ASP B 8 -15.69 -19.02 -12.99
C ASP B 8 -16.36 -18.99 -11.61
N GLU B 9 -15.99 -19.92 -10.71
CA GLU B 9 -16.31 -19.81 -9.30
C GLU B 9 -15.53 -18.66 -8.67
N ILE B 10 -14.21 -18.70 -8.87
CA ILE B 10 -13.28 -17.84 -8.15
C ILE B 10 -13.51 -16.37 -8.49
N ILE B 11 -13.86 -16.07 -9.74
CA ILE B 11 -14.05 -14.67 -10.15
C ILE B 11 -15.44 -14.19 -9.75
N GLN B 12 -16.38 -15.11 -9.47
CA GLN B 12 -17.66 -14.73 -8.91
C GLN B 12 -17.48 -14.29 -7.46
N ASP B 13 -16.44 -14.82 -6.80
CA ASP B 13 -16.07 -14.42 -5.45
C ASP B 13 -15.34 -13.07 -5.48
N VAL B 14 -14.49 -12.87 -6.50
CA VAL B 14 -13.72 -11.64 -6.64
C VAL B 14 -14.67 -10.47 -6.88
N ILE B 15 -15.75 -10.70 -7.64
CA ILE B 15 -16.74 -9.67 -7.90
C ILE B 15 -17.31 -9.16 -6.58
N GLN B 16 -17.58 -10.08 -5.64
CA GLN B 16 -18.25 -9.74 -4.40
C GLN B 16 -17.28 -9.12 -3.39
N LEU B 17 -15.98 -9.09 -3.71
CA LEU B 17 -15.00 -8.33 -2.93
C LEU B 17 -14.97 -6.87 -3.39
N ASP B 18 -15.96 -6.45 -4.17
CA ASP B 18 -16.03 -5.08 -4.64
C ASP B 18 -16.31 -4.14 -3.47
N GLY B 19 -15.46 -3.11 -3.33
CA GLY B 19 -15.62 -2.09 -2.31
C GLY B 19 -15.24 -2.57 -0.91
N LYS B 20 -14.61 -3.75 -0.81
CA LYS B 20 -14.16 -4.29 0.46
C LYS B 20 -12.71 -3.89 0.68
N LEU B 21 -12.51 -2.59 0.95
CA LEU B 21 -11.19 -1.98 0.98
C LEU B 21 -11.01 -1.22 2.29
N GLY B 22 -9.75 -1.06 2.70
CA GLY B 22 -9.42 -0.20 3.81
C GLY B 22 -9.61 1.27 3.43
N LEU B 23 -9.04 2.16 4.26
CA LEU B 23 -9.18 3.60 4.09
C LEU B 23 -8.41 4.06 2.85
N LEU B 24 -7.31 3.35 2.54
CA LEU B 24 -6.50 3.58 1.36
C LEU B 24 -6.47 2.31 0.51
N GLY B 25 -6.12 2.51 -0.77
CA GLY B 25 -5.82 1.41 -1.67
C GLY B 25 -7.05 0.95 -2.45
N GLY B 26 -6.80 0.13 -3.47
CA GLY B 26 -7.86 -0.38 -4.34
C GLY B 26 -7.36 -0.52 -5.78
N ASN B 27 -8.06 -1.35 -6.55
CA ASN B 27 -7.67 -1.66 -7.91
C ASN B 27 -8.92 -1.70 -8.78
N THR B 28 -8.97 -0.82 -9.77
CA THR B 28 -10.12 -0.76 -10.68
C THR B 28 -9.92 -1.76 -11.81
N ARG B 29 -10.97 -2.54 -12.07
CA ARG B 29 -11.00 -3.50 -13.16
C ARG B 29 -12.40 -3.49 -13.76
N GLN B 30 -12.48 -3.44 -15.10
CA GLN B 30 -13.78 -3.48 -15.76
C GLN B 30 -14.12 -4.92 -16.14
N LEU B 31 -15.41 -5.24 -16.04
CA LEU B 31 -15.93 -6.53 -16.49
C LEU B 31 -16.27 -6.44 -17.99
N GLU B 32 -16.74 -7.57 -18.54
CA GLU B 32 -17.39 -7.59 -19.84
C GLU B 32 -18.78 -6.95 -19.71
N ASP B 33 -19.32 -6.99 -18.48
CA ASP B 33 -20.60 -6.41 -18.13
C ASP B 33 -20.57 -4.88 -18.31
N GLY B 34 -19.39 -4.27 -18.15
CA GLY B 34 -19.23 -2.83 -18.27
C GLY B 34 -19.04 -2.16 -16.90
N ARG B 35 -19.77 -2.67 -15.91
CA ARG B 35 -19.58 -2.38 -14.49
C ARG B 35 -18.09 -2.34 -14.14
N VAL B 36 -17.68 -1.30 -13.40
CA VAL B 36 -16.34 -1.21 -12.85
C VAL B 36 -16.37 -1.66 -11.39
N ILE B 37 -15.32 -2.36 -10.96
CA ILE B 37 -15.20 -2.80 -9.57
C ILE B 37 -13.85 -2.34 -9.02
N ASN B 38 -13.80 -2.17 -7.69
CA ASN B 38 -12.61 -1.74 -6.99
C ASN B 38 -12.26 -2.82 -5.96
N ILE B 39 -11.14 -3.53 -6.17
CA ILE B 39 -10.85 -4.73 -5.39
C ILE B 39 -9.42 -4.69 -4.83
N PRO B 40 -9.11 -5.58 -3.85
CA PRO B 40 -7.77 -5.68 -3.26
C PRO B 40 -6.70 -6.21 -4.22
N ASN B 41 -5.43 -6.06 -3.82
CA ASN B 41 -4.27 -6.28 -4.68
C ASN B 41 -4.22 -7.73 -5.17
N GLY B 42 -4.30 -8.68 -4.23
CA GLY B 42 -4.28 -10.10 -4.53
C GLY B 42 -5.40 -10.51 -5.48
N ALA B 43 -6.62 -10.04 -5.18
CA ALA B 43 -7.80 -10.35 -5.98
C ALA B 43 -7.70 -9.76 -7.38
N ALA B 44 -6.97 -8.64 -7.51
CA ALA B 44 -6.81 -7.98 -8.80
C ALA B 44 -5.79 -8.74 -9.66
N MET B 45 -4.73 -9.26 -9.04
CA MET B 45 -3.73 -10.05 -9.74
C MET B 45 -4.34 -11.34 -10.26
N ILE B 46 -5.36 -11.84 -9.55
CA ILE B 46 -6.08 -13.05 -9.92
C ILE B 46 -7.06 -12.74 -11.04
N PHE B 47 -7.75 -11.60 -10.96
CA PHE B 47 -8.67 -11.16 -12.00
C PHE B 47 -7.93 -11.02 -13.33
N ASP B 48 -6.67 -10.61 -13.27
CA ASP B 48 -5.85 -10.40 -14.46
C ASP B 48 -5.51 -11.74 -15.13
N ASP B 49 -5.37 -12.80 -14.33
CA ASP B 49 -5.11 -14.13 -14.87
C ASP B 49 -6.38 -14.72 -15.48
N TYR B 50 -7.55 -14.26 -15.01
CA TYR B 50 -8.83 -14.63 -15.60
C TYR B 50 -8.98 -14.00 -16.98
N LYS B 51 -8.39 -12.81 -17.17
CA LYS B 51 -8.45 -12.13 -18.46
C LYS B 51 -7.56 -12.86 -19.48
N LYS B 52 -6.28 -13.06 -19.13
CA LYS B 52 -5.34 -13.79 -19.97
C LYS B 52 -5.97 -15.08 -20.46
N TYR B 53 -6.68 -15.79 -19.57
CA TYR B 53 -7.31 -17.06 -19.89
C TYR B 53 -8.37 -16.91 -20.98
N LYS B 54 -9.30 -15.98 -20.76
CA LYS B 54 -10.42 -15.77 -21.71
C LYS B 54 -9.90 -15.13 -22.99
N GLN B 55 -8.64 -14.68 -22.98
CA GLN B 55 -8.02 -14.07 -24.18
C GLN B 55 -7.04 -15.08 -24.80
N GLY B 56 -7.21 -16.36 -24.49
CA GLY B 56 -6.34 -17.42 -25.04
C GLY B 56 -4.87 -17.16 -24.88
N GLU B 57 -4.44 -16.65 -23.73
CA GLU B 57 -2.98 -16.43 -23.48
C GLU B 57 -2.51 -17.46 -22.47
N LEU B 58 -3.42 -17.95 -21.62
CA LEU B 58 -3.09 -19.02 -20.68
C LEU B 58 -4.15 -20.11 -20.79
N THR B 59 -3.75 -21.35 -20.45
CA THR B 59 -4.68 -22.46 -20.32
C THR B 59 -5.39 -22.37 -18.98
N ALA B 60 -6.51 -23.09 -18.85
CA ALA B 60 -7.26 -23.17 -17.61
C ALA B 60 -6.35 -23.69 -16.50
N GLU B 61 -5.63 -24.77 -16.78
CA GLU B 61 -4.73 -25.41 -15.83
C GLU B 61 -3.70 -24.41 -15.31
N SER B 62 -3.03 -23.71 -16.25
CA SER B 62 -1.92 -22.84 -15.92
C SER B 62 -2.41 -21.57 -15.23
N ALA B 63 -3.61 -21.10 -15.62
CA ALA B 63 -4.22 -19.93 -15.02
C ALA B 63 -4.58 -20.20 -13.56
N LEU B 64 -5.13 -21.40 -13.32
CA LEU B 64 -5.59 -21.79 -12.00
C LEU B 64 -4.39 -22.03 -11.07
N GLU B 65 -3.28 -22.52 -11.64
CA GLU B 65 -2.05 -22.73 -10.88
C GLU B 65 -1.59 -21.43 -10.23
N SER B 66 -1.43 -20.38 -11.05
CA SER B 66 -0.88 -19.11 -10.59
C SER B 66 -1.88 -18.38 -9.70
N MET B 67 -3.17 -18.56 -9.98
CA MET B 67 -4.24 -18.04 -9.15
C MET B 67 -4.08 -18.53 -7.71
N ILE B 68 -3.89 -19.85 -7.56
CA ILE B 68 -3.70 -20.50 -6.27
C ILE B 68 -2.39 -20.03 -5.64
N LYS B 69 -1.36 -19.84 -6.46
CA LYS B 69 -0.06 -19.42 -5.97
C LYS B 69 -0.13 -17.97 -5.47
N ILE B 70 -0.93 -17.13 -6.14
CA ILE B 70 -1.15 -15.75 -5.71
C ILE B 70 -1.82 -15.76 -4.34
N ALA B 71 -2.86 -16.58 -4.21
CA ALA B 71 -3.65 -16.66 -2.98
C ALA B 71 -2.78 -17.06 -1.79
N LYS B 72 -1.86 -18.01 -2.00
CA LYS B 72 -1.02 -18.51 -0.93
C LYS B 72 -0.08 -17.42 -0.42
N LEU B 73 0.49 -16.62 -1.34
CA LEU B 73 1.35 -15.51 -0.96
C LEU B 73 0.54 -14.41 -0.27
N SER B 74 -0.69 -14.17 -0.74
CA SER B 74 -1.54 -13.15 -0.15
C SER B 74 -1.92 -13.55 1.28
N ASN B 75 -2.13 -14.87 1.48
CA ASN B 75 -2.57 -15.40 2.76
C ASN B 75 -1.51 -15.15 3.83
N GLN B 76 -0.23 -15.17 3.42
CA GLN B 76 0.89 -15.02 4.33
C GLN B 76 1.08 -13.55 4.72
N LEU B 77 0.72 -12.63 3.82
CA LEU B 77 0.95 -11.22 4.02
C LEU B 77 -0.05 -10.64 5.01
N ASN B 78 0.44 -10.11 6.13
CA ASN B 78 -0.39 -9.42 7.11
C ASN B 78 0.36 -8.18 7.60
N ARG B 79 0.92 -7.41 6.66
CA ARG B 79 1.73 -6.25 6.95
C ARG B 79 0.85 -4.99 7.05
N HIS B 80 -0.47 -5.18 7.00
CA HIS B 80 -1.41 -4.09 6.80
C HIS B 80 -1.41 -3.15 8.00
N THR B 81 -1.59 -1.86 7.73
CA THR B 81 -1.74 -0.84 8.77
C THR B 81 -3.22 -0.55 8.99
N PHE B 82 -3.50 0.32 9.96
CA PHE B 82 -4.85 0.81 10.22
C PHE B 82 -5.47 1.44 8.98
N PHE B 83 -4.63 2.04 8.12
CA PHE B 83 -5.08 2.85 6.99
C PHE B 83 -5.38 2.01 5.75
N ASN B 84 -4.94 0.74 5.73
CA ASN B 84 -5.12 -0.15 4.59
C ASN B 84 -5.40 -1.59 5.06
N GLN B 85 -6.35 -1.75 5.99
CA GLN B 85 -6.68 -3.05 6.54
C GLN B 85 -7.31 -3.94 5.46
N ARG B 86 -6.92 -5.23 5.48
CA ARG B 86 -7.61 -6.27 4.75
C ARG B 86 -8.89 -6.63 5.47
N GLN B 87 -9.99 -6.65 4.71
CA GLN B 87 -11.30 -6.95 5.26
C GLN B 87 -11.40 -8.46 5.51
N PRO B 88 -12.27 -8.92 6.44
CA PRO B 88 -12.38 -10.34 6.75
C PRO B 88 -12.93 -11.16 5.57
N GLU B 89 -13.77 -10.51 4.76
CA GLU B 89 -14.34 -11.13 3.56
C GLU B 89 -13.24 -11.44 2.55
N THR B 90 -12.23 -10.57 2.46
CA THR B 90 -11.09 -10.77 1.60
C THR B 90 -10.18 -11.86 2.15
N GLY B 91 -10.06 -11.93 3.48
CA GLY B 91 -9.21 -12.91 4.13
C GLY B 91 -9.73 -14.34 3.94
N GLN B 92 -11.06 -14.50 3.94
CA GLN B 92 -11.69 -15.80 3.74
C GLN B 92 -11.52 -16.25 2.29
N PHE B 93 -11.58 -15.29 1.37
CA PHE B 93 -11.41 -15.57 -0.05
C PHE B 93 -10.02 -16.16 -0.31
N TYR B 94 -8.97 -15.51 0.21
CA TYR B 94 -7.61 -15.96 -0.03
C TYR B 94 -7.38 -17.33 0.62
N LYS B 95 -8.03 -17.57 1.77
CA LYS B 95 -7.92 -18.86 2.44
C LYS B 95 -8.59 -19.94 1.61
N LYS B 96 -9.82 -19.67 1.16
CA LYS B 96 -10.59 -20.62 0.36
C LYS B 96 -9.80 -21.04 -0.87
N VAL B 97 -9.27 -20.05 -1.61
CA VAL B 97 -8.62 -20.30 -2.89
C VAL B 97 -7.26 -20.95 -2.69
N ALA B 98 -6.57 -20.64 -1.59
CA ALA B 98 -5.27 -21.24 -1.30
C ALA B 98 -5.43 -22.72 -0.94
N ALA B 99 -6.65 -23.10 -0.53
CA ALA B 99 -6.96 -24.48 -0.17
C ALA B 99 -6.81 -25.39 -1.39
N ILE B 100 -7.46 -25.00 -2.49
CA ILE B 100 -7.37 -25.72 -3.74
C ILE B 100 -5.89 -25.84 -4.14
C1 GOL C . -2.17 10.18 12.10
O1 GOL C . -3.19 10.83 12.86
C2 GOL C . -2.16 8.71 12.43
O2 GOL C . -2.45 8.56 13.83
C3 GOL C . -0.87 8.00 12.07
O3 GOL C . -0.84 6.66 12.53
C1 ITP D . -5.00 -2.46 0.58
O1 ITP D . -4.54 -1.24 -0.08
C2 ITP D . -4.76 -3.64 -0.36
O2 ITP D . -5.43 -3.42 -1.60
C3 ITP D . -5.26 -4.93 0.30
O3 ITP D . -5.07 -6.04 -0.63
C4 ITP D . -6.73 -4.82 0.67
O4 ITP D . -7.18 -6.01 1.32
C5 ITP D . -6.95 -3.63 1.59
O5 ITP D . -8.33 -3.53 1.93
C6 ITP D . -6.48 -2.33 0.94
O6 ITP D . -6.70 -1.24 1.82
P1 ITP D . -2.98 -0.80 -0.23
OP1 ITP D . -2.94 0.69 0.11
OP2 ITP D . -2.11 -1.62 0.73
OP3 ITP D . -2.66 -1.07 -1.68
P3 ITP D . -4.62 -7.51 -0.11
O10 ITP D . -3.39 -7.33 0.77
O11 ITP D . -4.32 -8.34 -1.35
O12 ITP D . -5.79 -8.03 0.67
#